data_3T0Y
#
_entry.id   3T0Y
#
_cell.length_a   75.370
_cell.length_b   105.320
_cell.length_c   97.940
_cell.angle_alpha   90.00
_cell.angle_beta   90.00
_cell.angle_gamma   90.00
#
_symmetry.space_group_name_H-M   'C 2 2 21'
#
loop_
_entity.id
_entity.type
_entity.pdbx_description
1 polymer 'Response regulator'
2 polymer NepR
3 water water
#
loop_
_entity_poly.entity_id
_entity_poly.type
_entity_poly.pdbx_seq_one_letter_code
_entity_poly.pdbx_strand_id
1 'polypeptide(L)'
;(MSE)GSSHHHHHHSQDP(MSE)SLLARLAPHLPYIRRYARALTGDQATGDHYVRVALEALAAGELVLDANLSPRVALYR
VFHAIWLSSAGDDAAQRL(MSE)RIAPRSRQAFLLTALEGFTPTEAAQILDCDFGEVERLIGDAQAEIDAELAT
;
A,C
2 'polypeptide(L)'
;(MSE)NFGVED(MSE)IEHVP(MSE)EDKRKGAAALDEARLRQQAIGVKLRQ(MSE)FDEVVNEPVPDEFLAILRKAERP
AGGE
;
B,D
#
# COMPACT_ATOMS: atom_id res chain seq x y z
N PRO A 14 12.01 17.51 -31.53
CA PRO A 14 11.72 16.65 -32.69
C PRO A 14 10.33 16.06 -32.56
N SER A 16 6.97 16.41 -29.50
CA SER A 16 6.58 17.11 -28.29
C SER A 16 6.45 16.17 -27.10
N LEU A 17 6.66 16.71 -25.91
CA LEU A 17 6.42 15.95 -24.69
C LEU A 17 5.15 15.13 -24.79
N LEU A 18 4.07 15.77 -25.23
CA LEU A 18 2.80 15.08 -25.38
C LEU A 18 2.88 13.85 -26.29
N ALA A 19 3.53 14.01 -27.44
CA ALA A 19 3.57 12.93 -28.43
C ALA A 19 4.48 11.83 -27.92
N ARG A 20 5.54 12.21 -27.22
CA ARG A 20 6.43 11.19 -26.67
C ARG A 20 5.76 10.33 -25.61
N LEU A 21 4.91 10.92 -24.77
CA LEU A 21 4.39 10.20 -23.61
C LEU A 21 2.99 9.62 -23.80
N ALA A 22 2.17 10.26 -24.62
CA ALA A 22 0.76 9.87 -24.75
C ALA A 22 0.53 8.38 -25.01
N PRO A 23 1.37 7.75 -25.82
CA PRO A 23 1.04 6.34 -26.09
C PRO A 23 1.29 5.43 -24.88
N HIS A 24 2.02 5.94 -23.88
CA HIS A 24 2.34 5.16 -22.67
C HIS A 24 1.38 5.42 -21.51
N LEU A 25 0.52 6.43 -21.65
CA LEU A 25 -0.40 6.80 -20.58
C LEU A 25 -1.32 5.69 -20.10
N PRO A 26 -1.92 4.93 -21.05
CA PRO A 26 -2.83 3.85 -20.63
C PRO A 26 -2.11 2.83 -19.78
N TYR A 27 -0.83 2.65 -20.07
CA TYR A 27 -0.03 1.64 -19.39
C TYR A 27 0.40 2.06 -18.00
N ILE A 28 0.79 3.32 -17.84
CA ILE A 28 1.16 3.78 -16.51
C ILE A 28 -0.09 3.95 -15.63
N ARG A 29 -1.24 4.18 -16.27
CA ARG A 29 -2.51 4.18 -15.52
C ARG A 29 -2.80 2.77 -15.00
N ARG A 30 -2.50 1.75 -15.82
CA ARG A 30 -2.64 0.36 -15.38
C ARG A 30 -1.68 0.06 -14.22
N TYR A 31 -0.40 0.41 -14.41
CA TYR A 31 0.58 0.29 -13.34
C TYR A 31 0.08 0.99 -12.07
N ALA A 32 -0.29 2.26 -12.19
CA ALA A 32 -0.69 3.07 -11.02
C ALA A 32 -1.85 2.42 -10.28
N ARG A 33 -2.77 1.82 -11.04
CA ARG A 33 -3.96 1.19 -10.48
C ARG A 33 -3.56 -0.06 -9.72
N ALA A 34 -2.70 -0.86 -10.35
CA ALA A 34 -2.23 -2.10 -9.76
C ALA A 34 -1.51 -1.82 -8.46
N LEU A 35 -0.67 -0.79 -8.48
CA LEU A 35 0.15 -0.40 -7.35
C LEU A 35 -0.63 0.13 -6.16
N THR A 36 -1.66 0.94 -6.42
CA THR A 36 -2.37 1.62 -5.34
C THR A 36 -3.74 1.01 -5.01
N GLY A 37 -4.20 0.06 -5.81
CA GLY A 37 -5.41 -0.68 -5.47
C GLY A 37 -6.74 -0.17 -5.97
N ASP A 38 -6.76 1.01 -6.60
CA ASP A 38 -7.98 1.51 -7.21
C ASP A 38 -7.68 2.59 -8.27
N GLN A 39 -8.59 2.75 -9.22
CA GLN A 39 -8.28 3.57 -10.39
C GLN A 39 -8.19 5.06 -10.09
N ALA A 40 -9.09 5.53 -9.23
CA ALA A 40 -9.06 6.92 -8.79
C ALA A 40 -7.69 7.29 -8.24
N THR A 41 -7.30 6.63 -7.14
CA THR A 41 -6.01 6.86 -6.53
C THR A 41 -4.85 6.75 -7.53
N GLY A 42 -4.88 5.72 -8.37
CA GLY A 42 -3.85 5.57 -9.40
C GLY A 42 -3.71 6.81 -10.28
N ASP A 43 -4.85 7.30 -10.80
CA ASP A 43 -4.84 8.45 -11.69
C ASP A 43 -4.29 9.69 -11.01
N HIS A 44 -4.55 9.83 -9.72
CA HIS A 44 -4.09 11.00 -8.99
C HIS A 44 -2.58 11.03 -9.04
N TYR A 45 -1.97 9.86 -8.88
CA TYR A 45 -0.51 9.78 -8.86
C TYR A 45 0.03 10.05 -10.24
N VAL A 46 -0.60 9.49 -11.26
CA VAL A 46 -0.17 9.79 -12.61
C VAL A 46 -0.27 11.29 -12.85
N ARG A 47 -1.41 11.87 -12.45
CA ARG A 47 -1.65 13.30 -12.66
C ARG A 47 -0.51 14.09 -12.07
N VAL A 48 -0.16 13.77 -10.84
CA VAL A 48 0.89 14.49 -10.14
C VAL A 48 2.19 14.41 -10.91
N ALA A 49 2.45 13.24 -11.50
CA ALA A 49 3.67 13.04 -12.28
C ALA A 49 3.68 13.90 -13.55
N LEU A 50 2.57 13.92 -14.27
CA LEU A 50 2.48 14.75 -15.48
C LEU A 50 2.63 16.24 -15.13
N GLU A 51 1.99 16.67 -14.06
CA GLU A 51 2.08 18.08 -13.65
C GLU A 51 3.52 18.49 -13.37
N ALA A 52 4.29 17.61 -12.73
CA ALA A 52 5.68 17.92 -12.42
C ALA A 52 6.54 17.99 -13.69
N LEU A 53 6.18 17.20 -14.68
CA LEU A 53 6.86 17.26 -15.98
C LEU A 53 6.55 18.56 -16.69
N ALA A 54 5.26 18.82 -16.89
CA ALA A 54 4.82 20.05 -17.52
C ALA A 54 5.40 21.28 -16.79
N ALA A 55 5.46 21.22 -15.47
CA ALA A 55 5.96 22.32 -14.65
C ALA A 55 7.49 22.41 -14.66
N GLY A 56 8.13 21.40 -15.25
CA GLY A 56 9.58 21.39 -15.40
C GLY A 56 10.31 21.14 -14.10
N GLU A 57 9.58 20.75 -13.06
CA GLU A 57 10.19 20.40 -11.78
C GLU A 57 11.06 19.16 -11.96
N LEU A 58 10.63 18.30 -12.87
CA LEU A 58 11.34 17.07 -13.21
C LEU A 58 11.41 16.96 -14.73
N VAL A 59 12.44 16.29 -15.22
CA VAL A 59 12.57 16.06 -16.65
C VAL A 59 12.91 14.61 -16.89
N LEU A 60 12.43 14.10 -18.03
CA LEU A 60 12.75 12.78 -18.51
C LEU A 60 14.26 12.57 -18.60
N ASP A 61 14.76 11.50 -17.98
CA ASP A 61 16.17 11.17 -18.11
C ASP A 61 16.52 10.91 -19.59
N ALA A 62 17.52 11.63 -20.09
CA ALA A 62 17.91 11.51 -21.50
C ALA A 62 18.59 10.19 -21.81
N ASN A 63 18.95 9.44 -20.78
CA ASN A 63 19.59 8.13 -20.98
C ASN A 63 18.58 7.01 -21.20
N LEU A 64 17.30 7.30 -21.00
CA LEU A 64 16.26 6.29 -20.93
C LEU A 64 15.22 6.52 -22.03
N SER A 65 14.63 5.46 -22.57
CA SER A 65 13.51 5.63 -23.48
C SER A 65 12.48 6.49 -22.78
N PRO A 66 11.58 7.11 -23.55
CA PRO A 66 10.53 7.91 -22.92
C PRO A 66 9.66 7.08 -21.96
N ARG A 67 9.41 5.82 -22.31
CA ARG A 67 8.59 5.00 -21.44
C ARG A 67 9.28 4.77 -20.10
N VAL A 68 10.48 4.22 -20.13
CA VAL A 68 11.26 4.04 -18.90
C VAL A 68 11.39 5.35 -18.11
N ALA A 69 11.68 6.44 -18.81
CA ALA A 69 11.88 7.74 -18.16
C ALA A 69 10.62 8.23 -17.47
N LEU A 70 9.46 7.93 -18.05
CA LEU A 70 8.19 8.35 -17.46
C LEU A 70 8.00 7.62 -16.13
N TYR A 71 8.15 6.30 -16.14
CA TYR A 71 8.03 5.56 -14.90
C TYR A 71 9.10 5.99 -13.88
N ARG A 72 10.29 6.35 -14.32
CA ARG A 72 11.29 6.87 -13.38
C ARG A 72 10.76 8.14 -12.72
N VAL A 73 10.14 9.02 -13.50
CA VAL A 73 9.52 10.24 -12.98
C VAL A 73 8.42 9.98 -11.94
N PHE A 74 7.45 9.14 -12.30
CA PHE A 74 6.45 8.63 -11.38
C PHE A 74 7.07 8.25 -10.02
N HIS A 75 8.09 7.38 -10.04
CA HIS A 75 8.74 6.95 -8.81
C HIS A 75 9.56 8.04 -8.09
N ALA A 76 9.92 9.09 -8.81
CA ALA A 76 10.65 10.19 -8.22
C ALA A 76 9.72 11.03 -7.36
N ILE A 77 8.43 11.01 -7.69
CA ILE A 77 7.42 11.72 -6.94
C ILE A 77 7.05 10.91 -5.71
N TRP A 78 6.41 9.77 -5.97
CA TRP A 78 6.08 8.76 -4.98
C TRP A 78 7.34 8.32 -4.21
N LEU A 79 7.73 9.07 -3.19
CA LEU A 79 8.98 8.75 -2.50
C LEU A 79 8.80 8.00 -1.16
N SER A 80 9.47 6.85 -1.05
CA SER A 80 9.47 6.04 0.19
C SER A 80 10.13 6.79 1.35
N SER A 81 9.53 6.72 2.53
CA SER A 81 10.05 7.41 3.71
C SER A 81 10.64 6.44 4.75
N ALA A 82 11.24 6.99 5.80
CA ALA A 82 11.89 6.19 6.85
C ALA A 82 10.94 5.31 7.65
N GLY A 83 9.71 5.79 7.85
CA GLY A 83 8.71 4.97 8.53
C GLY A 83 8.27 3.82 7.64
N ASP A 84 8.21 4.09 6.35
CA ASP A 84 7.80 3.09 5.37
C ASP A 84 8.83 1.94 5.36
N ASP A 85 10.10 2.31 5.46
CA ASP A 85 11.17 1.31 5.44
C ASP A 85 11.17 0.49 6.73
N ALA A 86 10.94 1.15 7.87
CA ALA A 86 10.83 0.42 9.12
C ALA A 86 9.64 -0.55 9.05
N ALA A 87 8.49 -0.06 8.63
CA ALA A 87 7.30 -0.91 8.47
C ALA A 87 7.56 -2.10 7.56
N GLN A 88 8.35 -1.88 6.52
CA GLN A 88 8.63 -2.93 5.55
C GLN A 88 9.65 -3.95 6.06
N ARG A 89 10.66 -3.46 6.77
CA ARG A 89 11.55 -4.30 7.55
C ARG A 89 10.72 -5.24 8.46
N LEU A 90 9.83 -4.65 9.27
CA LEU A 90 9.02 -5.44 10.20
C LEU A 90 8.18 -6.49 9.47
N ARG A 92 9.01 -8.10 7.02
CA ARG A 92 9.93 -9.18 6.65
C ARG A 92 10.36 -9.99 7.88
N ILE A 93 10.64 -9.27 8.96
CA ILE A 93 11.08 -9.86 10.23
C ILE A 93 9.98 -10.64 10.93
N ALA A 94 8.75 -10.11 10.89
CA ALA A 94 7.63 -10.68 11.66
C ALA A 94 6.37 -10.84 10.80
N PRO A 95 6.43 -11.68 9.75
CA PRO A 95 5.38 -11.76 8.74
C PRO A 95 4.01 -12.24 9.23
N ARG A 96 3.97 -13.04 10.28
CA ARG A 96 2.70 -13.61 10.71
C ARG A 96 2.25 -13.14 12.09
N SER A 97 3.10 -12.38 12.78
CA SER A 97 2.86 -12.07 14.19
C SER A 97 2.93 -10.59 14.52
N ARG A 98 3.39 -9.77 13.58
CA ARG A 98 3.63 -8.36 13.87
C ARG A 98 2.36 -7.61 14.23
N GLN A 99 1.21 -8.12 13.78
CA GLN A 99 -0.04 -7.43 14.05
C GLN A 99 -0.30 -7.34 15.56
N ALA A 100 0.01 -8.43 16.27
CA ALA A 100 -0.32 -8.53 17.69
C ALA A 100 0.62 -7.62 18.45
N PHE A 101 1.86 -7.58 18.01
CA PHE A 101 2.84 -6.69 18.58
C PHE A 101 2.48 -5.22 18.32
N LEU A 102 1.96 -4.93 17.14
CA LEU A 102 1.61 -3.55 16.82
C LEU A 102 0.37 -3.08 17.58
N LEU A 103 -0.64 -3.95 17.64
CA LEU A 103 -1.86 -3.64 18.39
C LEU A 103 -1.57 -3.25 19.85
N THR A 104 -0.53 -3.84 20.44
CA THR A 104 -0.24 -3.61 21.87
C THR A 104 0.84 -2.52 22.08
N ALA A 105 2.01 -2.71 21.48
CA ALA A 105 3.13 -1.78 21.61
C ALA A 105 2.91 -0.42 20.98
N LEU A 106 2.26 -0.36 19.82
CA LEU A 106 2.02 0.91 19.15
C LEU A 106 0.60 1.45 19.37
N GLU A 107 -0.43 0.60 19.23
CA GLU A 107 -1.81 1.06 19.32
C GLU A 107 -2.37 1.09 20.73
N GLY A 108 -1.64 0.51 21.68
CA GLY A 108 -2.03 0.64 23.08
C GLY A 108 -3.17 -0.25 23.54
N PHE A 109 -3.58 -1.21 22.73
CA PHE A 109 -4.63 -2.13 23.17
C PHE A 109 -4.07 -3.08 24.21
N THR A 110 -4.92 -3.59 25.08
CA THR A 110 -4.47 -4.67 25.95
C THR A 110 -4.43 -5.95 25.14
N PRO A 111 -3.73 -6.96 25.66
CA PRO A 111 -3.72 -8.26 25.00
C PRO A 111 -5.15 -8.83 24.89
N THR A 112 -5.96 -8.58 25.91
CA THR A 112 -7.32 -9.07 25.89
C THR A 112 -8.10 -8.37 24.76
N GLU A 113 -7.86 -7.08 24.60
CA GLU A 113 -8.49 -6.38 23.51
C GLU A 113 -7.94 -6.85 22.16
N ALA A 114 -6.63 -7.09 22.08
CA ALA A 114 -6.05 -7.51 20.80
C ALA A 114 -6.57 -8.90 20.42
N ALA A 115 -6.96 -9.69 21.41
CA ALA A 115 -7.51 -11.01 21.12
C ALA A 115 -8.85 -10.86 20.43
N GLN A 116 -9.62 -9.87 20.88
CA GLN A 116 -10.89 -9.53 20.25
C GLN A 116 -10.65 -9.00 18.84
N ILE A 117 -9.66 -8.13 18.69
CA ILE A 117 -9.34 -7.58 17.38
C ILE A 117 -8.92 -8.69 16.40
N LEU A 118 -8.08 -9.60 16.87
CA LEU A 118 -7.55 -10.67 16.03
C LEU A 118 -8.47 -11.89 15.99
N ASP A 119 -9.52 -11.87 16.81
CA ASP A 119 -10.46 -13.00 16.87
C ASP A 119 -9.77 -14.34 17.14
N CYS A 120 -9.00 -14.40 18.22
CA CYS A 120 -8.32 -15.62 18.63
C CYS A 120 -8.31 -15.61 20.16
N ASP A 121 -7.87 -16.70 20.77
CA ASP A 121 -7.93 -16.75 22.22
C ASP A 121 -6.75 -16.05 22.85
N PHE A 122 -6.74 -15.96 24.16
CA PHE A 122 -5.71 -15.19 24.83
C PHE A 122 -4.33 -15.80 24.60
N GLY A 123 -4.25 -17.12 24.69
CA GLY A 123 -3.01 -17.83 24.44
C GLY A 123 -2.43 -17.57 23.06
N GLU A 124 -3.29 -17.53 22.04
CA GLU A 124 -2.81 -17.31 20.69
C GLU A 124 -2.19 -15.92 20.62
N VAL A 125 -2.81 -14.95 21.28
CA VAL A 125 -2.26 -13.59 21.32
C VAL A 125 -0.90 -13.50 22.01
N GLU A 126 -0.74 -14.15 23.16
CA GLU A 126 0.55 -14.11 23.84
CA GLU A 126 0.54 -14.20 23.89
C GLU A 126 1.63 -14.78 23.00
N ARG A 127 1.26 -15.84 22.30
CA ARG A 127 2.16 -16.57 21.42
C ARG A 127 2.68 -15.63 20.32
N LEU A 128 1.77 -14.97 19.63
CA LEU A 128 2.10 -13.99 18.59
C LEU A 128 3.02 -12.89 19.11
N ILE A 129 2.63 -12.22 20.19
CA ILE A 129 3.49 -11.18 20.77
C ILE A 129 4.89 -11.75 21.05
N GLY A 130 4.92 -12.98 21.57
CA GLY A 130 6.18 -13.64 21.89
C GLY A 130 7.06 -13.80 20.67
N ASP A 131 6.50 -14.36 19.60
CA ASP A 131 7.19 -14.51 18.31
C ASP A 131 7.73 -13.19 17.80
N ALA A 132 6.89 -12.16 17.78
CA ALA A 132 7.32 -10.89 17.20
C ALA A 132 8.47 -10.30 18.00
N GLN A 133 8.34 -10.34 19.32
CA GLN A 133 9.42 -9.87 20.17
C GLN A 133 10.70 -10.66 19.93
N ALA A 134 10.59 -11.97 19.78
CA ALA A 134 11.77 -12.81 19.52
C ALA A 134 12.43 -12.39 18.22
N GLU A 135 11.64 -12.26 17.17
CA GLU A 135 12.16 -11.96 15.86
C GLU A 135 12.81 -10.58 15.82
N ILE A 136 12.18 -9.63 16.48
CA ILE A 136 12.74 -8.30 16.60
C ILE A 136 14.07 -8.33 17.39
N ASP A 137 14.05 -8.90 18.58
CA ASP A 137 15.27 -9.01 19.37
C ASP A 137 16.43 -9.59 18.56
N ALA A 138 16.14 -10.64 17.80
CA ALA A 138 17.16 -11.35 17.03
C ALA A 138 17.69 -10.52 15.87
N GLU A 139 17.13 -9.32 15.69
CA GLU A 139 17.43 -8.44 14.57
C GLU A 139 17.25 -9.20 13.26
N ARG B 30 10.03 -17.09 -11.35
CA ARG B 30 10.95 -17.31 -12.47
C ARG B 30 10.25 -17.04 -13.80
N GLN B 31 9.50 -18.02 -14.29
CA GLN B 31 8.64 -17.83 -15.45
C GLN B 31 7.82 -16.57 -15.18
N GLN B 32 6.90 -16.22 -16.08
CA GLN B 32 6.00 -15.12 -15.75
C GLN B 32 4.54 -15.24 -16.17
N ALA B 33 3.91 -16.31 -15.73
CA ALA B 33 2.50 -16.53 -15.98
C ALA B 33 1.71 -15.47 -15.23
N ILE B 34 2.17 -15.10 -14.04
CA ILE B 34 1.48 -14.09 -13.23
C ILE B 34 1.27 -12.80 -14.02
N GLY B 35 2.28 -12.40 -14.79
CA GLY B 35 2.20 -11.20 -15.61
C GLY B 35 1.02 -11.29 -16.56
N VAL B 36 1.02 -12.35 -17.37
CA VAL B 36 -0.10 -12.68 -18.26
C VAL B 36 -1.44 -12.61 -17.56
N LYS B 37 -1.56 -13.31 -16.43
CA LYS B 37 -2.79 -13.25 -15.66
C LYS B 37 -3.13 -11.83 -15.26
N LEU B 38 -2.13 -11.10 -14.77
CA LEU B 38 -2.35 -9.72 -14.34
C LEU B 38 -2.80 -8.83 -15.50
N ARG B 39 -2.13 -8.94 -16.64
CA ARG B 39 -2.54 -8.16 -17.80
C ARG B 39 -3.99 -8.48 -18.20
N GLN B 40 -4.39 -9.73 -18.03
CA GLN B 40 -5.77 -10.12 -18.34
C GLN B 40 -6.79 -9.27 -17.59
N PHE B 42 -6.26 -6.45 -15.95
CA PHE B 42 -6.01 -5.01 -16.02
C PHE B 42 -6.19 -4.49 -17.44
N ASP B 43 -6.79 -5.31 -18.28
CA ASP B 43 -7.10 -4.95 -19.67
C ASP B 43 -7.98 -3.70 -19.76
N GLU B 44 -8.99 -3.62 -18.91
CA GLU B 44 -9.96 -2.53 -18.93
C GLU B 44 -9.30 -1.17 -19.12
N VAL B 45 -8.57 -0.75 -18.09
CA VAL B 45 -7.91 0.56 -18.04
C VAL B 45 -6.99 0.84 -19.24
N VAL B 46 -6.34 -0.21 -19.72
CA VAL B 46 -5.43 -0.06 -20.85
C VAL B 46 -6.19 0.35 -22.10
N ASN B 47 -7.47 0.01 -22.15
CA ASN B 47 -8.28 0.25 -23.35
C ASN B 47 -9.27 1.41 -23.24
N GLU B 48 -9.42 1.97 -22.04
CA GLU B 48 -10.19 3.19 -21.89
C GLU B 48 -9.40 4.33 -22.50
N PRO B 49 -10.11 5.32 -23.05
CA PRO B 49 -9.46 6.52 -23.56
C PRO B 49 -8.76 7.26 -22.42
N VAL B 50 -7.69 7.97 -22.74
CA VAL B 50 -6.93 8.70 -21.74
C VAL B 50 -7.63 9.98 -21.30
N PRO B 51 -7.89 10.14 -20.00
CA PRO B 51 -8.46 11.33 -19.38
C PRO B 51 -7.95 12.63 -20.02
N ASP B 52 -8.87 13.48 -20.48
CA ASP B 52 -8.51 14.72 -21.17
C ASP B 52 -7.51 15.54 -20.38
N GLU B 53 -7.69 15.53 -19.06
CA GLU B 53 -6.83 16.23 -18.14
C GLU B 53 -5.36 15.84 -18.34
N PHE B 54 -5.09 14.56 -18.53
CA PHE B 54 -3.71 14.12 -18.73
C PHE B 54 -3.10 14.79 -19.93
N LEU B 55 -3.84 14.81 -21.04
CA LEU B 55 -3.33 15.38 -22.28
C LEU B 55 -3.24 16.91 -22.16
N ALA B 56 -4.24 17.50 -21.54
CA ALA B 56 -4.22 18.93 -21.28
C ALA B 56 -2.94 19.30 -20.53
N ILE B 57 -2.60 18.50 -19.53
CA ILE B 57 -1.42 18.80 -18.74
C ILE B 57 -0.18 18.78 -19.61
N LEU B 58 -0.12 17.83 -20.53
CA LEU B 58 1.07 17.72 -21.38
C LEU B 58 1.17 18.87 -22.38
N ARG B 59 0.02 19.31 -22.88
CA ARG B 59 -0.01 20.47 -23.78
C ARG B 59 0.66 21.67 -23.11
N LYS B 60 0.38 21.86 -21.83
CA LYS B 60 0.89 23.01 -21.07
C LYS B 60 2.41 23.07 -21.09
N ALA B 61 3.03 21.95 -21.45
CA ALA B 61 4.48 21.88 -21.49
C ALA B 61 5.08 23.17 -22.03
N GLU B 62 5.05 23.33 -23.36
CA GLU B 62 5.52 24.56 -24.00
C GLU B 62 4.55 25.04 -25.10
N SER C 16 -24.54 7.95 14.36
CA SER C 16 -24.28 7.32 13.07
C SER C 16 -22.94 6.60 13.08
N LEU C 17 -22.66 5.88 12.01
CA LEU C 17 -21.39 5.21 11.83
C LEU C 17 -20.31 6.27 11.80
N LEU C 18 -20.55 7.28 10.98
CA LEU C 18 -19.64 8.41 10.87
C LEU C 18 -19.31 9.03 12.22
N ALA C 19 -20.28 9.05 13.13
CA ALA C 19 -20.11 9.78 14.38
C ALA C 19 -19.37 8.93 15.42
N ARG C 20 -19.66 7.63 15.44
CA ARG C 20 -18.96 6.74 16.36
C ARG C 20 -17.50 6.53 15.97
N LEU C 21 -17.22 6.49 14.66
CA LEU C 21 -15.89 6.11 14.16
C LEU C 21 -14.97 7.27 13.87
N ALA C 22 -15.54 8.42 13.52
CA ALA C 22 -14.74 9.57 13.10
C ALA C 22 -13.53 9.85 13.99
N PRO C 23 -13.71 9.79 15.31
CA PRO C 23 -12.56 10.20 16.13
C PRO C 23 -11.40 9.21 16.11
N HIS C 24 -11.65 8.03 15.53
CA HIS C 24 -10.68 6.95 15.61
C HIS C 24 -9.88 6.81 14.32
N LEU C 25 -10.36 7.49 13.27
CA LEU C 25 -9.79 7.34 11.93
C LEU C 25 -8.30 7.68 11.84
N PRO C 26 -7.83 8.73 12.53
CA PRO C 26 -6.38 8.97 12.46
C PRO C 26 -5.58 7.81 13.04
N TYR C 27 -6.17 7.08 13.98
CA TYR C 27 -5.44 5.99 14.65
C TYR C 27 -5.40 4.73 13.81
N ILE C 28 -6.53 4.35 13.23
CA ILE C 28 -6.54 3.23 12.31
C ILE C 28 -5.59 3.52 11.15
N ARG C 29 -5.43 4.79 10.77
CA ARG C 29 -4.52 5.05 9.66
C ARG C 29 -3.10 4.79 10.08
N ARG C 30 -2.79 5.15 11.33
CA ARG C 30 -1.45 4.92 11.85
C ARG C 30 -1.19 3.42 11.84
N TYR C 31 -2.15 2.65 12.33
CA TYR C 31 -1.95 1.19 12.42
C TYR C 31 -1.80 0.61 11.02
N ALA C 32 -2.70 1.03 10.12
CA ALA C 32 -2.74 0.52 8.76
C ALA C 32 -1.40 0.69 8.08
N ARG C 33 -0.82 1.88 8.24
CA ARG C 33 0.44 2.23 7.59
C ARG C 33 1.57 1.40 8.20
N ALA C 34 1.54 1.22 9.52
CA ALA C 34 2.64 0.51 10.16
C ALA C 34 2.58 -0.97 9.76
N LEU C 35 1.35 -1.49 9.61
CA LEU C 35 1.16 -2.91 9.36
C LEU C 35 1.49 -3.25 7.92
N THR C 36 1.09 -2.39 6.99
CA THR C 36 1.13 -2.77 5.58
C THR C 36 2.22 -2.09 4.74
N GLY C 37 2.93 -1.13 5.31
CA GLY C 37 4.17 -0.67 4.69
C GLY C 37 4.26 0.78 4.28
N ASP C 38 3.12 1.39 3.96
CA ASP C 38 3.06 2.81 3.65
C ASP C 38 1.62 3.31 3.74
N GLN C 39 1.44 4.63 3.62
CA GLN C 39 0.14 5.24 3.86
C GLN C 39 -0.84 4.90 2.76
N ALA C 40 -0.36 4.78 1.53
CA ALA C 40 -1.23 4.43 0.40
C ALA C 40 -1.82 3.05 0.57
N THR C 41 -0.97 2.07 0.88
CA THR C 41 -1.41 0.72 1.14
C THR C 41 -2.34 0.71 2.38
N GLY C 42 -1.96 1.45 3.42
CA GLY C 42 -2.78 1.49 4.64
C GLY C 42 -4.16 2.10 4.41
N ASP C 43 -4.20 3.22 3.71
CA ASP C 43 -5.45 3.86 3.36
C ASP C 43 -6.30 2.97 2.46
N HIS C 44 -5.66 2.18 1.61
CA HIS C 44 -6.44 1.25 0.80
C HIS C 44 -7.26 0.33 1.70
N TYR C 45 -6.63 -0.18 2.76
CA TYR C 45 -7.25 -1.18 3.62
C TYR C 45 -8.30 -0.57 4.55
N VAL C 46 -8.02 0.64 5.00
CA VAL C 46 -9.00 1.39 5.75
C VAL C 46 -10.27 1.63 4.92
N ARG C 47 -10.09 2.05 3.66
CA ARG C 47 -11.23 2.31 2.78
C ARG C 47 -12.06 1.04 2.64
N VAL C 48 -11.42 -0.06 2.30
CA VAL C 48 -12.13 -1.31 2.14
C VAL C 48 -12.96 -1.63 3.40
N ALA C 49 -12.40 -1.32 4.56
CA ALA C 49 -13.04 -1.61 5.85
C ALA C 49 -14.27 -0.76 6.04
N LEU C 50 -14.13 0.53 5.77
CA LEU C 50 -15.21 1.46 5.98
C LEU C 50 -16.33 1.17 5.00
N GLU C 51 -15.98 0.62 3.84
CA GLU C 51 -17.00 0.31 2.85
C GLU C 51 -17.74 -0.95 3.23
N ALA C 52 -17.03 -1.89 3.84
CA ALA C 52 -17.66 -3.10 4.35
C ALA C 52 -18.74 -2.71 5.37
N LEU C 53 -18.49 -1.62 6.08
CA LEU C 53 -19.38 -1.19 7.15
C LEU C 53 -20.52 -0.34 6.61
N ALA C 54 -20.21 0.62 5.75
CA ALA C 54 -21.25 1.43 5.12
C ALA C 54 -22.24 0.49 4.43
N ALA C 55 -21.71 -0.49 3.71
CA ALA C 55 -22.52 -1.47 2.99
C ALA C 55 -23.21 -2.48 3.90
N GLY C 56 -22.87 -2.44 5.19
CA GLY C 56 -23.46 -3.35 6.15
C GLY C 56 -23.05 -4.80 5.97
N GLU C 57 -22.04 -5.01 5.12
CA GLU C 57 -21.56 -6.36 4.88
C GLU C 57 -20.95 -6.89 6.16
N LEU C 58 -20.40 -5.98 6.95
CA LEU C 58 -19.85 -6.30 8.26
C LEU C 58 -20.33 -5.25 9.23
N VAL C 59 -20.46 -5.63 10.50
CA VAL C 59 -20.99 -4.73 11.52
C VAL C 59 -20.07 -4.67 12.73
N LEU C 60 -20.00 -3.50 13.36
CA LEU C 60 -19.27 -3.32 14.60
C LEU C 60 -19.89 -4.19 15.68
N ASP C 61 -19.05 -4.98 16.36
CA ASP C 61 -19.49 -5.82 17.47
C ASP C 61 -19.99 -4.93 18.60
N ALA C 62 -21.19 -5.22 19.07
CA ALA C 62 -21.83 -4.39 20.09
C ALA C 62 -21.18 -4.54 21.47
N ASN C 63 -20.47 -5.65 21.68
CA ASN C 63 -19.75 -5.87 22.92
C ASN C 63 -18.40 -5.13 23.01
N LEU C 64 -17.97 -4.49 21.92
CA LEU C 64 -16.69 -3.82 21.89
C LEU C 64 -16.85 -2.30 21.77
N SER C 65 -15.91 -1.53 22.33
CA SER C 65 -15.88 -0.09 22.09
C SER C 65 -15.81 0.16 20.59
N PRO C 66 -16.17 1.38 20.16
CA PRO C 66 -16.10 1.74 18.74
C PRO C 66 -14.73 1.49 18.17
N ARG C 67 -13.68 1.97 18.85
CA ARG C 67 -12.32 1.77 18.37
C ARG C 67 -11.96 0.27 18.23
N VAL C 68 -12.26 -0.53 19.24
CA VAL C 68 -11.86 -1.93 19.22
C VAL C 68 -12.61 -2.66 18.09
N ALA C 69 -13.90 -2.38 17.96
CA ALA C 69 -14.72 -3.02 16.93
C ALA C 69 -14.28 -2.61 15.53
N LEU C 70 -13.80 -1.39 15.39
CA LEU C 70 -13.28 -0.91 14.11
C LEU C 70 -12.02 -1.68 13.70
N TYR C 71 -11.05 -1.80 14.59
CA TYR C 71 -9.85 -2.56 14.29
C TYR C 71 -10.15 -4.03 14.08
N ARG C 72 -11.15 -4.56 14.77
CA ARG C 72 -11.60 -5.92 14.52
C ARG C 72 -12.06 -6.07 13.07
N VAL C 73 -12.82 -5.12 12.55
CA VAL C 73 -13.25 -5.19 11.16
C VAL C 73 -12.07 -5.00 10.20
N PHE C 74 -11.22 -4.01 10.48
CA PHE C 74 -10.05 -3.78 9.65
C PHE C 74 -9.24 -5.07 9.54
N HIS C 75 -8.94 -5.67 10.67
CA HIS C 75 -8.16 -6.89 10.65
C HIS C 75 -8.83 -7.98 9.80
N ALA C 76 -10.15 -8.07 9.88
CA ALA C 76 -10.90 -9.10 9.16
C ALA C 76 -10.80 -8.92 7.65
N ILE C 77 -10.91 -7.68 7.18
CA ILE C 77 -10.84 -7.47 5.74
C ILE C 77 -9.38 -7.56 5.30
N TRP C 78 -8.47 -7.14 6.17
CA TRP C 78 -7.05 -7.22 5.85
C TRP C 78 -6.65 -8.67 5.66
N LEU C 79 -7.06 -9.49 6.61
CA LEU C 79 -6.82 -10.92 6.60
C LEU C 79 -7.33 -11.53 5.30
N SER C 80 -8.61 -11.29 5.02
CA SER C 80 -9.28 -11.88 3.86
C SER C 80 -8.81 -11.37 2.49
N SER C 81 -7.92 -10.37 2.48
CA SER C 81 -7.49 -9.83 1.20
C SER C 81 -6.54 -10.80 0.49
N ALA C 82 -5.98 -11.74 1.25
CA ALA C 82 -4.91 -12.63 0.74
C ALA C 82 -5.21 -13.95 -0.01
N GLY C 83 -6.45 -14.38 -0.21
CA GLY C 83 -7.66 -13.65 0.04
C GLY C 83 -8.60 -13.85 -1.15
N ASP C 84 -8.94 -12.76 -1.81
CA ASP C 84 -9.88 -12.83 -2.92
C ASP C 84 -9.55 -11.78 -3.97
N ASP C 85 -9.06 -12.25 -5.11
CA ASP C 85 -8.89 -11.43 -6.32
C ASP C 85 -7.45 -10.98 -6.47
N ALA C 86 -6.79 -11.47 -7.53
CA ALA C 86 -5.37 -11.21 -7.71
C ALA C 86 -4.98 -9.74 -7.51
N ALA C 87 -5.71 -8.83 -8.13
CA ALA C 87 -5.34 -7.41 -8.05
C ALA C 87 -5.30 -6.96 -6.60
N GLN C 88 -6.31 -7.36 -5.84
CA GLN C 88 -6.39 -6.97 -4.45
C GLN C 88 -5.36 -7.68 -3.57
N ARG C 89 -4.95 -8.89 -3.95
CA ARG C 89 -3.92 -9.60 -3.20
C ARG C 89 -2.61 -8.83 -3.25
N LEU C 90 -2.40 -8.09 -4.33
CA LEU C 90 -1.15 -7.35 -4.51
C LEU C 90 -0.92 -6.37 -3.35
N ARG C 92 -1.10 -6.93 -0.30
CA ARG C 92 -0.46 -7.64 0.82
C ARG C 92 1.04 -7.73 0.64
N ILE C 93 1.54 -7.30 -0.51
CA ILE C 93 2.97 -7.26 -0.74
C ILE C 93 3.56 -5.91 -0.28
N ALA C 94 4.68 -5.96 0.43
CA ALA C 94 5.37 -4.74 0.83
C ALA C 94 5.49 -3.85 -0.38
N PRO C 95 5.14 -2.57 -0.23
CA PRO C 95 5.11 -1.60 -1.33
C PRO C 95 6.36 -1.61 -2.24
N ARG C 96 7.57 -1.59 -1.67
CA ARG C 96 8.74 -1.53 -2.52
CA ARG C 96 8.78 -1.56 -2.49
C ARG C 96 8.92 -2.84 -3.28
N SER C 97 8.46 -3.94 -2.72
CA SER C 97 8.58 -5.23 -3.39
C SER C 97 7.50 -5.31 -4.44
N ARG C 98 6.35 -4.71 -4.15
CA ARG C 98 5.27 -4.66 -5.11
C ARG C 98 5.60 -3.86 -6.37
N GLN C 99 6.30 -2.75 -6.16
CA GLN C 99 6.77 -1.95 -7.28
C GLN C 99 7.69 -2.76 -8.21
N ALA C 100 8.73 -3.35 -7.63
CA ALA C 100 9.74 -4.09 -8.35
C ALA C 100 9.09 -5.25 -9.09
N PHE C 101 8.16 -5.91 -8.41
CA PHE C 101 7.46 -7.02 -8.99
C PHE C 101 6.57 -6.58 -10.15
N LEU C 102 5.79 -5.52 -9.98
CA LEU C 102 4.89 -5.09 -11.03
C LEU C 102 5.64 -4.50 -12.21
N LEU C 103 6.75 -3.81 -11.96
CA LEU C 103 7.51 -3.21 -13.05
C LEU C 103 7.97 -4.32 -14.00
N THR C 104 8.35 -5.46 -13.45
CA THR C 104 8.87 -6.55 -14.27
C THR C 104 7.75 -7.48 -14.75
N ALA C 105 6.99 -8.05 -13.83
CA ALA C 105 5.98 -9.04 -14.20
C ALA C 105 4.84 -8.46 -15.01
N LEU C 106 4.37 -7.28 -14.61
CA LEU C 106 3.22 -6.66 -15.28
C LEU C 106 3.60 -5.70 -16.40
N GLU C 107 4.54 -4.80 -16.13
CA GLU C 107 4.82 -3.74 -17.10
C GLU C 107 5.92 -4.16 -18.08
N GLY C 108 6.47 -5.35 -17.88
CA GLY C 108 7.43 -5.93 -18.81
C GLY C 108 8.78 -5.24 -18.94
N PHE C 109 9.14 -4.41 -17.96
CA PHE C 109 10.50 -3.87 -17.94
C PHE C 109 11.47 -4.96 -17.52
N THR C 110 12.71 -4.86 -17.98
CA THR C 110 13.72 -5.81 -17.55
C THR C 110 14.13 -5.40 -16.16
N PRO C 111 14.70 -6.34 -15.38
CA PRO C 111 15.22 -5.97 -14.07
C PRO C 111 16.17 -4.77 -14.12
N THR C 112 16.97 -4.65 -15.18
CA THR C 112 17.91 -3.52 -15.28
C THR C 112 17.12 -2.23 -15.42
N GLU C 113 16.09 -2.26 -16.26
CA GLU C 113 15.29 -1.07 -16.46
C GLU C 113 14.57 -0.75 -15.15
N ALA C 114 14.10 -1.77 -14.44
CA ALA C 114 13.39 -1.54 -13.18
C ALA C 114 14.32 -0.86 -12.17
N ALA C 115 15.60 -1.21 -12.22
CA ALA C 115 16.62 -0.59 -11.39
C ALA C 115 16.73 0.90 -11.69
N GLN C 116 16.74 1.26 -12.97
CA GLN C 116 16.76 2.68 -13.32
C GLN C 116 15.52 3.38 -12.79
N ILE C 117 14.38 2.72 -13.00
CA ILE C 117 13.11 3.30 -12.61
C ILE C 117 13.07 3.55 -11.09
N LEU C 118 13.50 2.57 -10.31
CA LEU C 118 13.46 2.66 -8.86
C LEU C 118 14.69 3.37 -8.32
N ASP C 119 15.64 3.69 -9.20
CA ASP C 119 16.81 4.44 -8.77
C ASP C 119 17.51 3.73 -7.62
N CYS C 120 17.83 2.46 -7.80
CA CYS C 120 18.46 1.69 -6.77
C CYS C 120 19.37 0.71 -7.51
N ASP C 121 20.26 0.03 -6.80
CA ASP C 121 21.16 -0.89 -7.50
C ASP C 121 20.47 -2.21 -7.86
N PHE C 122 21.15 -3.04 -8.64
CA PHE C 122 20.50 -4.19 -9.25
C PHE C 122 20.17 -5.26 -8.24
N GLY C 123 21.08 -5.50 -7.29
CA GLY C 123 20.88 -6.54 -6.30
C GLY C 123 19.65 -6.25 -5.46
N GLU C 124 19.48 -4.96 -5.14
CA GLU C 124 18.31 -4.52 -4.41
C GLU C 124 17.05 -4.89 -5.20
N VAL C 125 17.07 -4.68 -6.51
CA VAL C 125 15.92 -5.04 -7.33
C VAL C 125 15.59 -6.53 -7.33
N GLU C 126 16.60 -7.40 -7.44
CA GLU C 126 16.30 -8.84 -7.41
CA GLU C 126 16.33 -8.85 -7.41
C GLU C 126 15.86 -9.26 -6.01
N ARG C 127 16.40 -8.61 -4.98
CA ARG C 127 15.97 -8.90 -3.63
C ARG C 127 14.49 -8.61 -3.54
N LEU C 128 14.12 -7.41 -3.97
CA LEU C 128 12.75 -6.94 -3.90
C LEU C 128 11.80 -7.88 -4.61
N ILE C 129 12.15 -8.29 -5.81
CA ILE C 129 11.32 -9.23 -6.55
C ILE C 129 11.29 -10.58 -5.84
N GLY C 130 12.40 -10.93 -5.20
CA GLY C 130 12.49 -12.17 -4.46
C GLY C 130 11.45 -12.13 -3.35
N ASP C 131 11.53 -11.08 -2.55
CA ASP C 131 10.59 -10.87 -1.43
C ASP C 131 9.12 -10.91 -1.87
N ALA C 132 8.79 -10.25 -2.99
CA ALA C 132 7.42 -10.32 -3.51
C ALA C 132 7.07 -11.76 -3.87
N GLN C 133 8.02 -12.47 -4.45
CA GLN C 133 7.78 -13.86 -4.78
C GLN C 133 7.55 -14.65 -3.50
N ALA C 134 8.35 -14.36 -2.48
CA ALA C 134 8.19 -15.00 -1.18
C ALA C 134 6.79 -14.80 -0.65
N GLU C 135 6.34 -13.55 -0.65
CA GLU C 135 5.02 -13.22 -0.14
C GLU C 135 3.95 -13.97 -0.94
N ILE C 136 4.06 -13.95 -2.27
CA ILE C 136 3.09 -14.65 -3.10
C ILE C 136 3.04 -16.15 -2.77
N ASP C 137 4.20 -16.76 -2.55
CA ASP C 137 4.24 -18.19 -2.33
C ASP C 137 3.70 -18.57 -0.94
N ALA C 138 3.90 -17.69 0.03
CA ALA C 138 3.47 -17.95 1.40
C ALA C 138 1.96 -17.81 1.60
N GLU C 139 1.41 -16.66 1.23
CA GLU C 139 0.00 -16.36 1.54
C GLU C 139 -0.86 -16.06 0.32
N LEU C 140 -0.24 -15.47 -0.71
CA LEU C 140 -0.98 -14.91 -1.84
C LEU C 140 -1.31 -15.89 -2.97
N ALA C 141 -0.33 -16.71 -3.35
CA ALA C 141 -0.58 -17.79 -4.32
C ALA C 141 -0.93 -19.06 -3.55
N THR C 142 0.01 -19.50 -2.71
CA THR C 142 -0.26 -20.61 -1.77
C THR C 142 -0.56 -21.92 -2.49
N ARG D 30 16.46 -4.55 29.69
CA ARG D 30 15.14 -4.11 29.22
C ARG D 30 15.25 -2.83 28.39
N GLN D 31 15.62 -2.99 27.13
CA GLN D 31 15.78 -1.88 26.20
C GLN D 31 14.49 -1.65 25.42
N GLN D 32 13.69 -0.68 25.86
CA GLN D 32 12.42 -0.38 25.19
C GLN D 32 12.39 0.99 24.51
N ALA D 33 13.51 1.33 23.86
CA ALA D 33 13.52 2.39 22.89
C ALA D 33 12.80 1.88 21.63
N ILE D 34 12.27 0.66 21.74
CA ILE D 34 11.47 0.03 20.69
C ILE D 34 10.15 0.75 20.56
N GLY D 35 9.33 0.69 21.60
CA GLY D 35 8.08 1.42 21.64
C GLY D 35 8.32 2.91 21.46
N VAL D 36 9.57 3.32 21.66
CA VAL D 36 9.96 4.71 21.42
C VAL D 36 10.14 4.93 19.92
N LYS D 37 11.04 4.15 19.32
CA LYS D 37 11.32 4.24 17.89
C LYS D 37 10.02 3.99 17.12
N LEU D 38 9.14 3.21 17.74
CA LEU D 38 7.82 2.91 17.19
C LEU D 38 6.99 4.18 17.06
N ARG D 39 6.80 4.85 18.18
CA ARG D 39 6.13 6.15 18.19
C ARG D 39 6.83 7.04 17.18
N GLN D 40 8.14 7.20 17.33
CA GLN D 40 8.90 8.03 16.41
C GLN D 40 8.49 7.75 14.98
N PHE D 42 6.11 6.17 13.51
CA PHE D 42 4.71 6.02 13.04
C PHE D 42 3.66 6.98 13.58
N ASP D 43 3.98 7.70 14.66
CA ASP D 43 2.97 8.53 15.31
C ASP D 43 2.53 9.75 14.48
N GLU D 44 3.36 10.19 13.55
CA GLU D 44 3.07 11.39 12.74
C GLU D 44 1.70 11.35 12.08
N VAL D 45 1.36 10.18 11.54
CA VAL D 45 0.09 9.95 10.86
C VAL D 45 -1.08 10.54 11.62
N VAL D 46 -1.02 10.39 12.94
CA VAL D 46 -2.13 10.73 13.80
C VAL D 46 -2.47 12.23 13.75
N ASN D 47 -1.45 13.06 13.55
CA ASN D 47 -1.66 14.50 13.50
C ASN D 47 -1.90 15.01 12.08
N GLU D 48 -2.09 14.07 11.15
CA GLU D 48 -2.51 14.42 9.79
C GLU D 48 -4.01 14.42 9.71
N PRO D 49 -4.56 15.20 8.77
CA PRO D 49 -6.00 15.24 8.49
C PRO D 49 -6.45 14.04 7.69
N VAL D 50 -7.55 13.44 8.12
CA VAL D 50 -8.11 12.30 7.43
C VAL D 50 -8.52 12.65 6.02
N PRO D 51 -8.36 11.70 5.09
CA PRO D 51 -8.93 11.92 3.76
C PRO D 51 -10.45 12.06 3.82
N ASP D 52 -11.00 13.02 3.08
CA ASP D 52 -12.43 13.19 3.02
C ASP D 52 -13.14 11.97 2.45
N GLU D 53 -12.43 11.26 1.58
CA GLU D 53 -12.99 10.04 1.02
C GLU D 53 -13.37 9.07 2.13
N PHE D 54 -12.67 9.14 3.27
CA PHE D 54 -13.00 8.27 4.40
C PHE D 54 -14.38 8.65 4.95
N LEU D 55 -14.52 9.94 5.29
CA LEU D 55 -15.80 10.48 5.74
C LEU D 55 -16.86 10.21 4.68
N ALA D 56 -16.51 10.49 3.42
CA ALA D 56 -17.42 10.26 2.31
C ALA D 56 -18.07 8.89 2.48
N ILE D 57 -17.24 7.88 2.66
CA ILE D 57 -17.73 6.51 2.75
C ILE D 57 -18.69 6.33 3.93
N LEU D 58 -18.38 6.98 5.04
CA LEU D 58 -19.15 6.81 6.26
C LEU D 58 -20.46 7.61 6.24
N ARG D 59 -20.40 8.84 5.71
CA ARG D 59 -21.58 9.69 5.67
CA ARG D 59 -21.57 9.70 5.63
C ARG D 59 -22.74 8.95 5.00
N LYS D 60 -22.44 8.18 3.97
CA LYS D 60 -23.47 7.42 3.24
C LYS D 60 -23.85 6.12 3.95
N ALA D 61 -24.38 6.23 5.17
CA ALA D 61 -24.75 5.06 5.97
C ALA D 61 -23.64 4.03 6.05
#